data_3F78
#
_entry.id   3F78
#
_cell.length_a   62.679
_cell.length_b   85.800
_cell.length_c   63.917
_cell.angle_alpha   90.000
_cell.angle_beta   118.180
_cell.angle_gamma   90.000
#
_symmetry.space_group_name_H-M   'P 1 21 1'
#
loop_
_entity.id
_entity.type
_entity.pdbx_description
1 polymer 'Integrin alpha-L'
2 non-polymer '1-CHLORO-2,2,2-TRIFLUOROETHYL DIFLUOROMETHYL ETHER'
3 non-polymer GLYCEROL
4 non-polymer 'MAGNESIUM ION'
5 water water
#
_entity_poly.entity_id   1
_entity_poly.type   'polypeptide(L)'
_entity_poly.pdbx_seq_one_letter_code
;MGNVDLVFLFDGSMSLQPDEFQKILDFMKDVMKKLSNTSYQFAAVQFSTSYKTEFDFSDYVKWKDPDALLKHVKHMLLLT
NTFGAINYVATEVFREELGARPDATKVLIIITDGEATDSGNIDAAKDIIRYIIGIGKHFQTKESQETLHKFASKPASEFV
KILDTFEKLKDLFTELQKKIY
;
_entity_poly.pdbx_strand_id   A,B,C
#
loop_
_chem_comp.id
_chem_comp.type
_chem_comp.name
_chem_comp.formula
GOL non-polymer GLYCEROL 'C3 H8 O3'
ICF non-polymer '1-CHLORO-2,2,2-TRIFLUOROETHYL DIFLUOROMETHYL ETHER' 'C3 H2 Cl F5 O'
MG non-polymer 'MAGNESIUM ION' 'Mg 2'
#
# COMPACT_ATOMS: atom_id res chain seq x y z
N GLY A 2 17.99 -3.55 -6.55
CA GLY A 2 19.01 -3.57 -5.46
C GLY A 2 19.03 -4.87 -4.69
N ASN A 3 20.19 -5.18 -4.11
CA ASN A 3 20.34 -6.41 -3.33
C ASN A 3 19.63 -6.32 -1.99
N VAL A 4 19.02 -7.43 -1.59
CA VAL A 4 18.38 -7.55 -0.28
C VAL A 4 18.89 -8.81 0.45
N ASP A 5 19.39 -8.62 1.66
CA ASP A 5 19.79 -9.73 2.54
C ASP A 5 18.69 -9.84 3.59
N LEU A 6 17.89 -10.90 3.49
CA LEU A 6 16.71 -11.06 4.33
C LEU A 6 16.85 -12.25 5.27
N VAL A 7 16.59 -12.01 6.56
CA VAL A 7 16.64 -13.06 7.55
C VAL A 7 15.26 -13.34 8.09
N PHE A 8 14.86 -14.61 8.08
CA PHE A 8 13.71 -15.08 8.80
C PHE A 8 14.12 -15.42 10.24
N LEU A 9 13.45 -14.80 11.20
CA LEU A 9 13.66 -15.10 12.62
C LEU A 9 12.37 -15.65 13.16
N PHE A 10 12.36 -16.96 13.40
CA PHE A 10 11.12 -17.65 13.67
C PHE A 10 11.06 -18.34 15.03
N ASP A 11 9.92 -18.14 15.67
CA ASP A 11 9.61 -18.61 17.02
C ASP A 11 9.53 -20.12 17.02
N GLY A 12 10.25 -20.75 17.95
CA GLY A 12 10.15 -22.19 18.18
C GLY A 12 9.75 -22.54 19.61
N SER A 13 9.02 -21.64 20.27
CA SER A 13 8.60 -21.89 21.66
C SER A 13 7.61 -23.05 21.78
N MET A 14 7.41 -23.48 23.02
CA MET A 14 6.44 -24.53 23.33
C MET A 14 4.99 -24.09 23.20
N SER A 15 4.74 -22.80 22.97
CA SER A 15 3.38 -22.35 22.75
CA SER A 15 3.40 -22.30 22.72
C SER A 15 2.86 -22.79 21.38
N LEU A 16 3.78 -22.97 20.42
CA LEU A 16 3.38 -23.40 19.08
C LEU A 16 3.05 -24.87 19.00
N GLN A 17 1.91 -25.19 18.38
CA GLN A 17 1.52 -26.55 18.13
C GLN A 17 2.34 -27.07 16.94
N PRO A 18 2.47 -28.40 16.83
CA PRO A 18 3.29 -28.91 15.75
C PRO A 18 2.88 -28.42 14.36
N ASP A 19 1.58 -28.38 14.06
CA ASP A 19 1.11 -27.96 12.74
C ASP A 19 1.37 -26.47 12.50
N GLU A 20 1.34 -25.69 13.57
CA GLU A 20 1.59 -24.26 13.47
C GLU A 20 3.06 -24.00 13.12
N PHE A 21 3.96 -24.68 13.81
CA PHE A 21 5.38 -24.60 13.53
C PHE A 21 5.66 -25.01 12.09
N GLN A 22 5.02 -26.08 11.65
CA GLN A 22 5.16 -26.53 10.26
C GLN A 22 4.69 -25.47 9.27
N LYS A 23 3.60 -24.76 9.60
CA LYS A 23 3.09 -23.71 8.72
C LYS A 23 4.09 -22.55 8.62
N ILE A 24 4.79 -22.24 9.71
CA ILE A 24 5.86 -21.25 9.65
C ILE A 24 6.98 -21.69 8.70
N LEU A 25 7.42 -22.95 8.82
CA LEU A 25 8.45 -23.50 7.92
C LEU A 25 8.01 -23.39 6.47
N ASP A 26 6.78 -23.80 6.21
CA ASP A 26 6.27 -23.81 4.85
C ASP A 26 6.17 -22.39 4.25
N PHE A 27 5.79 -21.43 5.07
CA PHE A 27 5.77 -20.01 4.66
C PHE A 27 7.17 -19.53 4.24
N MET A 28 8.16 -19.80 5.08
CA MET A 28 9.54 -19.39 4.77
C MET A 28 9.99 -20.00 3.44
N LYS A 29 9.68 -21.29 3.25
CA LYS A 29 10.01 -21.99 2.01
C LYS A 29 9.32 -21.37 0.82
N ASP A 30 8.03 -21.07 0.99
CA ASP A 30 7.25 -20.47 -0.08
C ASP A 30 7.76 -19.08 -0.46
N VAL A 31 8.09 -18.27 0.54
CA VAL A 31 8.65 -16.93 0.29
C VAL A 31 9.94 -17.04 -0.52
N MET A 32 10.84 -17.93 -0.10
CA MET A 32 12.09 -18.16 -0.83
C MET A 32 11.89 -18.64 -2.27
N LYS A 33 10.99 -19.60 -2.47
CA LYS A 33 10.70 -20.12 -3.82
C LYS A 33 10.17 -19.04 -4.74
N LYS A 34 9.32 -18.16 -4.20
CA LYS A 34 8.75 -17.05 -4.95
C LYS A 34 9.78 -15.96 -5.26
N LEU A 35 10.90 -15.95 -4.53
CA LEU A 35 11.97 -14.98 -4.76
C LEU A 35 13.28 -15.64 -5.24
N SER A 36 13.19 -16.82 -5.83
CA SER A 36 14.38 -17.51 -6.32
C SER A 36 14.92 -16.76 -7.53
N ASN A 37 16.24 -16.77 -7.68
CA ASN A 37 16.93 -16.12 -8.82
C ASN A 37 16.62 -14.62 -8.92
N THR A 38 16.57 -13.97 -7.76
CA THR A 38 16.37 -12.53 -7.69
C THR A 38 17.59 -11.91 -6.96
N SER A 39 17.51 -10.63 -6.62
CA SER A 39 18.57 -9.95 -5.88
C SER A 39 18.56 -10.33 -4.40
N TYR A 40 17.67 -11.22 -4.02
CA TYR A 40 17.55 -11.67 -2.64
C TYR A 40 18.50 -12.80 -2.32
N GLN A 41 19.03 -12.75 -1.10
CA GLN A 41 19.62 -13.92 -0.45
CA GLN A 41 19.56 -13.96 -0.46
C GLN A 41 19.06 -14.01 0.97
N PHE A 42 19.01 -15.22 1.52
CA PHE A 42 18.28 -15.48 2.75
C PHE A 42 19.11 -16.20 3.79
N ALA A 43 18.76 -15.97 5.06
CA ALA A 43 19.23 -16.75 6.17
C ALA A 43 18.03 -17.00 7.11
N ALA A 44 18.14 -17.99 7.98
CA ALA A 44 17.05 -18.29 8.91
C ALA A 44 17.60 -18.65 10.28
N VAL A 45 16.95 -18.11 11.30
CA VAL A 45 17.32 -18.34 12.69
C VAL A 45 16.08 -18.75 13.46
N GLN A 46 16.15 -19.87 14.17
CA GLN A 46 15.10 -20.25 15.09
C GLN A 46 15.43 -19.68 16.47
N PHE A 47 14.41 -19.16 17.13
CA PHE A 47 14.58 -18.67 18.52
C PHE A 47 13.56 -19.27 19.46
N SER A 48 14.02 -19.61 20.65
CA SER A 48 13.13 -20.01 21.74
C SER A 48 13.79 -19.50 23.03
N THR A 49 14.33 -20.39 23.85
CA THR A 49 15.20 -19.91 24.93
C THR A 49 16.51 -19.43 24.34
N SER A 50 17.07 -20.25 23.44
CA SER A 50 18.33 -20.01 22.79
C SER A 50 18.13 -19.78 21.30
N TYR A 51 19.22 -19.44 20.63
CA TYR A 51 19.19 -19.03 19.22
C TYR A 51 20.04 -19.97 18.38
N LYS A 52 19.50 -20.36 17.23
CA LYS A 52 20.22 -21.25 16.32
CA LYS A 52 20.20 -21.26 16.32
C LYS A 52 20.09 -20.75 14.88
N THR A 53 21.23 -20.52 14.26
CA THR A 53 21.23 -20.21 12.82
C THR A 53 20.97 -21.52 12.09
N GLU A 54 19.81 -21.64 11.46
CA GLU A 54 19.46 -22.85 10.74
C GLU A 54 20.13 -22.91 9.37
N PHE A 55 20.27 -21.75 8.74
CA PHE A 55 21.15 -21.60 7.58
C PHE A 55 21.58 -20.15 7.43
N ASP A 56 22.82 -19.95 6.99
CA ASP A 56 23.45 -18.65 6.77
CA ASP A 56 23.29 -18.58 6.79
C ASP A 56 23.29 -18.24 5.31
N PHE A 57 23.60 -16.98 5.00
CA PHE A 57 23.54 -16.53 3.61
C PHE A 57 24.41 -17.37 2.68
N SER A 58 25.59 -17.75 3.14
CA SER A 58 26.48 -18.55 2.30
C SER A 58 25.89 -19.94 2.03
N ASP A 59 25.14 -20.48 3.00
CA ASP A 59 24.42 -21.74 2.79
C ASP A 59 23.36 -21.59 1.71
N TYR A 60 22.65 -20.46 1.72
CA TYR A 60 21.66 -20.17 0.70
C TYR A 60 22.29 -20.13 -0.69
N VAL A 61 23.39 -19.41 -0.82
CA VAL A 61 24.12 -19.32 -2.09
C VAL A 61 24.58 -20.71 -2.55
N LYS A 62 25.01 -21.55 -1.61
CA LYS A 62 25.46 -22.90 -1.96
C LYS A 62 24.34 -23.80 -2.49
N TRP A 63 23.20 -23.80 -1.80
CA TRP A 63 22.13 -24.77 -2.04
C TRP A 63 20.98 -24.26 -2.90
N LYS A 64 20.54 -23.02 -2.65
CA LYS A 64 19.38 -22.42 -3.33
CA LYS A 64 19.41 -22.44 -3.38
C LYS A 64 18.19 -23.39 -3.42
N ASP A 65 17.97 -24.12 -2.33
CA ASP A 65 16.95 -25.16 -2.24
C ASP A 65 16.32 -25.05 -0.87
N PRO A 66 15.20 -24.31 -0.75
CA PRO A 66 14.59 -24.12 0.58
C PRO A 66 14.26 -25.41 1.33
N ASP A 67 13.82 -26.46 0.63
CA ASP A 67 13.54 -27.74 1.30
C ASP A 67 14.79 -28.30 1.95
N ALA A 68 15.90 -28.29 1.21
CA ALA A 68 17.17 -28.78 1.74
C ALA A 68 17.66 -27.93 2.90
N LEU A 69 17.52 -26.62 2.77
CA LEU A 69 18.06 -25.68 3.75
C LEU A 69 17.39 -25.78 5.12
N LEU A 70 16.13 -26.16 5.15
CA LEU A 70 15.37 -26.24 6.40
C LEU A 70 15.08 -27.69 6.83
N LYS A 71 15.70 -28.65 6.13
CA LYS A 71 15.44 -30.07 6.36
C LYS A 71 15.79 -30.53 7.79
N HIS A 72 16.78 -29.91 8.40
CA HIS A 72 17.30 -30.36 9.69
C HIS A 72 16.67 -29.64 10.88
N VAL A 73 15.74 -28.74 10.63
CA VAL A 73 15.14 -27.95 11.71
C VAL A 73 14.38 -28.86 12.67
N LYS A 74 14.62 -28.67 13.96
CA LYS A 74 13.86 -29.31 15.03
C LYS A 74 13.23 -28.25 15.93
N HIS A 75 11.94 -28.43 16.20
CA HIS A 75 11.19 -27.48 17.02
C HIS A 75 11.76 -27.47 18.43
N MET A 76 12.24 -26.29 18.85
CA MET A 76 12.97 -26.17 20.13
C MET A 76 12.11 -26.48 21.36
N LEU A 77 10.87 -26.00 21.34
CA LEU A 77 9.87 -26.24 22.40
C LEU A 77 10.26 -25.67 23.76
N LEU A 78 10.84 -24.48 23.76
CA LEU A 78 11.20 -23.83 25.03
C LEU A 78 10.54 -22.45 25.14
N LEU A 79 11.27 -21.41 25.54
CA LEU A 79 10.65 -20.10 25.81
C LEU A 79 10.64 -19.18 24.57
N THR A 80 10.45 -17.87 24.77
CA THR A 80 10.22 -16.93 23.66
C THR A 80 11.10 -15.68 23.86
N ASN A 81 12.41 -15.88 23.76
CA ASN A 81 13.34 -14.78 24.13
C ASN A 81 13.63 -13.86 22.93
N THR A 82 12.62 -13.09 22.57
CA THR A 82 12.62 -12.29 21.34
C THR A 82 13.65 -11.17 21.31
N PHE A 83 13.89 -10.47 22.43
CA PHE A 83 14.86 -9.37 22.41
C PHE A 83 16.25 -9.88 22.03
N GLY A 84 16.70 -10.93 22.72
CA GLY A 84 18.00 -11.50 22.47
C GLY A 84 18.09 -12.05 21.06
N ALA A 85 16.97 -12.60 20.56
CA ALA A 85 16.92 -13.21 19.22
C ALA A 85 17.21 -12.17 18.15
N ILE A 86 16.60 -11.00 18.28
CA ILE A 86 16.80 -9.90 17.32
C ILE A 86 18.25 -9.39 17.36
N ASN A 87 18.79 -9.22 18.56
CA ASN A 87 20.19 -8.85 18.70
C ASN A 87 21.15 -9.90 18.12
N TYR A 88 20.80 -11.18 18.28
CA TYR A 88 21.59 -12.28 17.72
C TYR A 88 21.68 -12.16 16.20
N VAL A 89 20.53 -11.88 15.57
CA VAL A 89 20.53 -11.69 14.11
C VAL A 89 21.47 -10.56 13.71
N ALA A 90 21.35 -9.43 14.41
CA ALA A 90 22.15 -8.24 14.15
C ALA A 90 23.65 -8.50 14.25
N THR A 91 24.06 -9.25 15.27
CA THR A 91 25.49 -9.44 15.55
C THR A 91 26.09 -10.72 14.97
N GLU A 92 25.28 -11.76 14.81
CA GLU A 92 25.76 -13.10 14.44
C GLU A 92 25.39 -13.61 13.06
N VAL A 93 24.44 -12.96 12.38
CA VAL A 93 23.97 -13.43 11.08
C VAL A 93 24.33 -12.46 9.94
N PHE A 94 24.15 -11.16 10.18
CA PHE A 94 24.54 -10.13 9.23
C PHE A 94 26.05 -9.90 9.35
N ARG A 95 26.81 -10.86 8.83
CA ARG A 95 28.28 -10.81 8.83
C ARG A 95 28.80 -11.18 7.45
N GLU A 96 29.72 -10.37 6.94
CA GLU A 96 30.27 -10.58 5.61
C GLU A 96 30.93 -11.97 5.49
N GLU A 97 31.55 -12.42 6.57
CA GLU A 97 32.22 -13.73 6.56
C GLU A 97 31.24 -14.91 6.48
N LEU A 98 29.96 -14.66 6.74
CA LEU A 98 28.91 -15.67 6.60
C LEU A 98 28.06 -15.43 5.36
N GLY A 99 28.54 -14.56 4.47
CA GLY A 99 27.89 -14.36 3.17
C GLY A 99 27.06 -13.10 3.01
N ALA A 100 26.92 -12.31 4.08
CA ALA A 100 26.20 -11.05 3.99
C ALA A 100 26.94 -10.11 3.04
N ARG A 101 26.16 -9.36 2.25
CA ARG A 101 26.71 -8.45 1.24
C ARG A 101 26.68 -7.01 1.75
N PRO A 102 27.85 -6.34 1.82
CA PRO A 102 27.89 -4.96 2.28
C PRO A 102 26.95 -3.97 1.56
N ASP A 103 26.65 -4.20 0.29
CA ASP A 103 25.78 -3.28 -0.46
C ASP A 103 24.28 -3.53 -0.31
N ALA A 104 23.92 -4.62 0.37
CA ALA A 104 22.53 -5.06 0.42
C ALA A 104 21.75 -4.32 1.50
N THR A 105 20.46 -4.13 1.25
CA THR A 105 19.54 -3.70 2.30
C THR A 105 19.30 -4.86 3.25
N LYS A 106 19.47 -4.62 4.54
CA LYS A 106 19.24 -5.66 5.56
C LYS A 106 17.77 -5.66 5.99
N VAL A 107 17.13 -6.82 5.89
CA VAL A 107 15.71 -6.98 6.23
C VAL A 107 15.54 -8.18 7.17
N LEU A 108 14.67 -8.01 8.17
CA LEU A 108 14.30 -9.06 9.11
C LEU A 108 12.80 -9.29 9.02
N ILE A 109 12.38 -10.55 8.93
CA ILE A 109 10.99 -10.93 9.13
C ILE A 109 10.94 -11.79 10.39
N ILE A 110 10.36 -11.23 11.45
CA ILE A 110 10.25 -11.91 12.75
C ILE A 110 8.85 -12.53 12.80
N ILE A 111 8.76 -13.81 13.16
CA ILE A 111 7.49 -14.54 13.16
C ILE A 111 7.29 -15.13 14.54
N THR A 112 6.20 -14.77 15.22
CA THR A 112 5.99 -15.17 16.61
C THR A 112 4.50 -15.36 16.94
N ASP A 113 4.22 -16.20 17.96
CA ASP A 113 2.84 -16.42 18.40
C ASP A 113 2.58 -15.87 19.80
N GLY A 114 3.53 -15.11 20.36
CA GLY A 114 3.29 -14.53 21.68
C GLY A 114 4.28 -13.50 22.13
N GLU A 115 4.06 -13.01 23.35
CA GLU A 115 4.88 -11.94 23.91
C GLU A 115 6.23 -12.48 24.36
N ALA A 116 7.23 -11.61 24.32
CA ALA A 116 8.59 -11.97 24.71
C ALA A 116 8.67 -12.40 26.17
N THR A 117 9.52 -13.39 26.45
CA THR A 117 9.84 -13.80 27.81
C THR A 117 11.12 -13.19 28.35
N ASP A 118 11.82 -12.42 27.53
CA ASP A 118 12.99 -11.66 27.99
C ASP A 118 12.73 -10.14 27.90
N SER A 119 13.77 -9.34 28.12
CA SER A 119 13.65 -7.89 28.05
C SER A 119 14.97 -7.30 27.55
N GLY A 120 15.13 -6.00 27.72
CA GLY A 120 16.34 -5.30 27.30
C GLY A 120 16.02 -4.30 26.21
N ASN A 121 16.86 -4.28 25.17
CA ASN A 121 16.65 -3.40 24.03
C ASN A 121 17.19 -4.06 22.77
N ILE A 122 16.80 -3.51 21.61
CA ILE A 122 17.29 -4.01 20.33
C ILE A 122 18.08 -2.91 19.58
N ASP A 123 18.78 -2.06 20.32
CA ASP A 123 19.58 -1.02 19.71
C ASP A 123 20.55 -1.54 18.65
N ALA A 124 21.09 -2.74 18.85
CA ALA A 124 22.06 -3.31 17.90
C ALA A 124 21.47 -3.56 16.52
N ALA A 125 20.13 -3.68 16.47
CA ALA A 125 19.43 -4.01 15.23
C ALA A 125 18.75 -2.82 14.58
N LYS A 126 19.05 -1.60 15.04
CA LYS A 126 18.36 -0.38 14.59
CA LYS A 126 18.30 -0.43 14.57
C LYS A 126 18.46 -0.12 13.08
N ASP A 127 19.57 -0.51 12.48
CA ASP A 127 19.78 -0.29 11.03
C ASP A 127 19.16 -1.38 10.12
N ILE A 128 18.50 -2.36 10.72
CA ILE A 128 17.82 -3.40 9.97
C ILE A 128 16.36 -3.02 9.80
N ILE A 129 15.83 -3.19 8.59
CA ILE A 129 14.41 -2.96 8.34
C ILE A 129 13.67 -4.19 8.91
N ARG A 130 12.81 -3.98 9.91
CA ARG A 130 12.22 -5.07 10.69
C ARG A 130 10.70 -5.18 10.56
N TYR A 131 10.23 -6.28 9.97
CA TYR A 131 8.83 -6.63 9.97
C TYR A 131 8.62 -7.66 11.07
N ILE A 132 7.45 -7.62 11.70
CA ILE A 132 7.06 -8.65 12.66
C ILE A 132 5.64 -9.11 12.35
N ILE A 133 5.48 -10.43 12.34
CA ILE A 133 4.21 -11.10 12.09
C ILE A 133 3.83 -11.78 13.40
N GLY A 134 2.77 -11.27 14.03
CA GLY A 134 2.23 -11.83 15.25
C GLY A 134 0.99 -12.63 14.90
N ILE A 135 0.97 -13.91 15.28
CA ILE A 135 -0.06 -14.82 14.80
C ILE A 135 -0.85 -15.42 15.95
N GLY A 136 -2.18 -15.42 15.83
CA GLY A 136 -3.03 -16.21 16.70
C GLY A 136 -3.61 -15.51 17.90
N LYS A 137 -4.21 -16.32 18.76
CA LYS A 137 -5.07 -15.80 19.83
C LYS A 137 -4.36 -15.03 20.92
N HIS A 138 -3.02 -15.13 21.02
CA HIS A 138 -2.32 -14.31 22.00
C HIS A 138 -2.28 -12.85 21.61
N PHE A 139 -2.68 -12.51 20.37
CA PHE A 139 -2.73 -11.13 19.92
C PHE A 139 -4.14 -10.63 19.61
N GLN A 140 -5.13 -11.12 20.36
CA GLN A 140 -6.52 -10.67 20.22
C GLN A 140 -6.76 -9.24 20.69
N THR A 141 -6.03 -8.81 21.72
CA THR A 141 -6.26 -7.49 22.32
C THR A 141 -5.32 -6.45 21.71
N LYS A 142 -5.81 -5.22 21.65
CA LYS A 142 -4.99 -4.10 21.17
C LYS A 142 -3.69 -4.04 21.97
N GLU A 143 -3.80 -4.21 23.27
CA GLU A 143 -2.64 -4.10 24.16
C GLU A 143 -1.57 -5.13 23.81
N SER A 144 -1.96 -6.38 23.57
CA SER A 144 -1.01 -7.41 23.20
C SER A 144 -0.34 -7.12 21.84
N GLN A 145 -1.13 -6.65 20.89
CA GLN A 145 -0.61 -6.28 19.57
C GLN A 145 0.44 -5.19 19.68
N GLU A 146 0.17 -4.19 20.53
CA GLU A 146 1.08 -3.07 20.71
C GLU A 146 2.43 -3.46 21.31
N THR A 147 2.47 -4.58 22.03
CA THR A 147 3.75 -5.07 22.56
C THR A 147 4.76 -5.40 21.45
N LEU A 148 4.27 -5.64 20.22
CA LEU A 148 5.16 -5.99 19.13
C LEU A 148 5.80 -4.79 18.45
N HIS A 149 5.26 -3.59 18.71
CA HIS A 149 5.71 -2.39 17.99
C HIS A 149 7.20 -2.11 18.25
N LYS A 150 7.65 -2.33 19.49
CA LYS A 150 9.05 -2.06 19.87
C LYS A 150 10.07 -2.89 19.08
N PHE A 151 9.64 -4.01 18.49
CA PHE A 151 10.55 -4.88 17.75
C PHE A 151 10.66 -4.50 16.28
N ALA A 152 9.66 -3.78 15.78
CA ALA A 152 9.54 -3.52 14.35
C ALA A 152 9.94 -2.10 14.00
N SER A 153 10.21 -1.88 12.71
CA SER A 153 10.42 -0.54 12.21
C SER A 153 9.10 0.27 12.28
N LYS A 154 9.20 1.56 12.01
CA LYS A 154 8.05 2.47 12.07
C LYS A 154 7.75 3.02 10.67
N PRO A 155 6.45 3.15 10.34
CA PRO A 155 5.29 2.99 11.22
C PRO A 155 4.85 1.56 11.46
N ALA A 156 4.34 1.28 12.65
CA ALA A 156 3.77 0.00 12.97
C ALA A 156 2.73 -0.45 11.94
N SER A 157 1.97 0.48 11.39
CA SER A 157 0.94 0.11 10.43
C SER A 157 1.52 -0.54 9.17
N GLU A 158 2.79 -0.26 8.88
CA GLU A 158 3.49 -0.93 7.77
C GLU A 158 4.20 -2.21 8.24
N PHE A 159 4.89 -2.13 9.38
CA PHE A 159 5.84 -3.16 9.76
C PHE A 159 5.33 -4.23 10.72
N VAL A 160 4.19 -4.00 11.36
CA VAL A 160 3.59 -4.97 12.28
C VAL A 160 2.37 -5.58 11.60
N LYS A 161 2.43 -6.89 11.37
CA LYS A 161 1.31 -7.63 10.78
C LYS A 161 0.71 -8.52 11.86
N ILE A 162 -0.60 -8.40 12.05
CA ILE A 162 -1.31 -9.25 13.00
C ILE A 162 -2.22 -10.16 12.21
N LEU A 163 -1.98 -11.46 12.34
CA LEU A 163 -2.74 -12.49 11.65
CA LEU A 163 -2.74 -12.49 11.65
C LEU A 163 -3.55 -13.29 12.69
N ASP A 164 -4.84 -13.46 12.45
CA ASP A 164 -5.63 -14.19 13.47
C ASP A 164 -5.42 -15.71 13.42
N THR A 165 -4.97 -16.23 12.26
CA THR A 165 -4.70 -17.66 12.11
C THR A 165 -3.40 -17.91 11.33
N PHE A 166 -2.83 -19.10 11.51
CA PHE A 166 -1.64 -19.46 10.75
C PHE A 166 -1.94 -19.65 9.27
N GLU A 167 -3.20 -19.95 8.94
CA GLU A 167 -3.60 -20.08 7.54
C GLU A 167 -3.49 -18.75 6.79
N LYS A 168 -3.50 -17.62 7.50
CA LYS A 168 -3.43 -16.31 6.86
C LYS A 168 -2.02 -15.95 6.38
N LEU A 169 -1.01 -16.75 6.71
CA LEU A 169 0.36 -16.44 6.25
C LEU A 169 0.41 -16.31 4.74
N LYS A 170 -0.43 -17.10 4.08
CA LYS A 170 -0.50 -17.16 2.61
CA LYS A 170 -0.43 -17.14 2.63
C LYS A 170 -0.93 -15.81 2.02
N ASP A 171 -1.69 -15.04 2.80
CA ASP A 171 -2.19 -13.73 2.34
C ASP A 171 -1.10 -12.64 2.26
N LEU A 172 0.11 -12.93 2.77
CA LEU A 172 1.20 -11.95 2.75
C LEU A 172 2.08 -11.99 1.50
N PHE A 173 1.97 -13.04 0.69
CA PHE A 173 2.91 -13.25 -0.40
C PHE A 173 2.92 -12.10 -1.41
N THR A 174 1.74 -11.69 -1.87
CA THR A 174 1.67 -10.63 -2.88
C THR A 174 2.34 -9.34 -2.37
N GLU A 175 2.07 -8.98 -1.12
CA GLU A 175 2.65 -7.78 -0.53
C GLU A 175 4.16 -7.87 -0.42
N LEU A 176 4.65 -9.01 0.07
CA LEU A 176 6.07 -9.21 0.25
C LEU A 176 6.80 -9.13 -1.09
N GLN A 177 6.22 -9.75 -2.11
CA GLN A 177 6.82 -9.76 -3.45
C GLN A 177 6.92 -8.37 -4.07
N LYS A 178 5.97 -7.51 -3.74
CA LYS A 178 5.90 -6.16 -4.31
C LYS A 178 6.83 -5.15 -3.62
N LYS A 179 7.45 -5.51 -2.50
CA LYS A 179 8.29 -4.53 -1.78
C LYS A 179 9.47 -4.10 -2.64
N ILE A 180 9.76 -2.81 -2.62
CA ILE A 180 10.95 -2.25 -3.27
C ILE A 180 11.67 -1.46 -2.18
N TYR A 181 12.84 -1.94 -1.77
CA TYR A 181 13.55 -1.37 -0.62
C TYR A 181 14.36 -0.16 -1.02
N GLY B 2 0.10 7.53 20.23
CA GLY B 2 1.38 8.22 20.58
C GLY B 2 1.51 9.56 19.90
N ASN B 3 2.29 10.46 20.47
CA ASN B 3 2.50 11.79 19.90
C ASN B 3 3.33 11.72 18.60
N VAL B 4 2.94 12.53 17.63
CA VAL B 4 3.66 12.68 16.37
C VAL B 4 3.97 14.16 16.12
N ASP B 5 5.25 14.46 15.89
CA ASP B 5 5.69 15.80 15.50
C ASP B 5 5.98 15.71 14.00
N LEU B 6 5.11 16.29 13.17
CA LEU B 6 5.21 16.16 11.72
C LEU B 6 5.57 17.49 11.08
N VAL B 7 6.60 17.46 10.23
CA VAL B 7 7.01 18.63 9.47
C VAL B 7 6.70 18.40 8.00
N PHE B 8 5.99 19.36 7.40
CA PHE B 8 5.88 19.43 5.95
C PHE B 8 7.08 20.23 5.42
N LEU B 9 7.81 19.64 4.48
CA LEU B 9 8.95 20.29 3.84
C LEU B 9 8.61 20.37 2.36
N PHE B 10 8.27 21.58 1.90
CA PHE B 10 7.66 21.74 0.59
C PHE B 10 8.44 22.65 -0.34
N ASP B 11 8.55 22.17 -1.58
CA ASP B 11 9.32 22.78 -2.67
C ASP B 11 8.67 24.09 -3.11
N GLY B 12 9.48 25.14 -3.25
CA GLY B 12 9.04 26.42 -3.79
C GLY B 12 9.84 26.83 -5.02
N SER B 13 10.31 25.85 -5.78
CA SER B 13 11.15 26.18 -6.93
C SER B 13 10.41 26.88 -8.07
N MET B 14 11.21 27.49 -8.94
CA MET B 14 10.75 28.20 -10.11
C MET B 14 9.97 27.30 -11.08
N SER B 15 10.19 25.99 -11.04
CA SER B 15 9.50 25.08 -11.96
CA SER B 15 9.51 25.05 -11.94
CA SER B 15 9.51 25.00 -11.88
C SER B 15 8.02 24.91 -11.61
N LEU B 16 7.64 25.19 -10.37
CA LEU B 16 6.25 25.04 -9.95
C LEU B 16 5.38 26.18 -10.47
N GLN B 17 4.26 25.82 -11.09
CA GLN B 17 3.27 26.80 -11.54
C GLN B 17 2.47 27.32 -10.35
N PRO B 18 1.88 28.52 -10.46
CA PRO B 18 1.14 29.06 -9.33
C PRO B 18 0.05 28.14 -8.77
N ASP B 19 -0.73 27.50 -9.63
CA ASP B 19 -1.82 26.63 -9.16
C ASP B 19 -1.27 25.38 -8.48
N GLU B 20 -0.11 24.92 -8.92
CA GLU B 20 0.53 23.71 -8.38
C GLU B 20 0.99 24.01 -6.95
N PHE B 21 1.64 25.14 -6.78
CA PHE B 21 2.11 25.56 -5.46
C PHE B 21 0.91 25.75 -4.51
N GLN B 22 -0.19 26.29 -5.04
CA GLN B 22 -1.38 26.46 -4.22
C GLN B 22 -1.96 25.11 -3.79
N LYS B 23 -1.92 24.12 -4.67
CA LYS B 23 -2.42 22.78 -4.35
C LYS B 23 -1.56 22.13 -3.27
N ILE B 24 -0.26 22.43 -3.25
CA ILE B 24 0.61 21.98 -2.16
C ILE B 24 0.16 22.63 -0.84
N LEU B 25 -0.08 23.94 -0.86
CA LEU B 25 -0.56 24.64 0.33
C LEU B 25 -1.91 24.08 0.81
N ASP B 26 -2.83 23.88 -0.12
CA ASP B 26 -4.15 23.35 0.21
C ASP B 26 -4.05 21.94 0.81
N PHE B 27 -3.11 21.14 0.30
CA PHE B 27 -2.91 19.78 0.79
C PHE B 27 -2.49 19.79 2.25
N MET B 28 -1.52 20.66 2.57
CA MET B 28 -1.01 20.78 3.93
C MET B 28 -2.12 21.26 4.86
N LYS B 29 -2.85 22.28 4.44
CA LYS B 29 -4.00 22.79 5.22
C LYS B 29 -5.04 21.69 5.49
N ASP B 30 -5.36 20.93 4.45
CA ASP B 30 -6.38 19.89 4.56
C ASP B 30 -5.96 18.76 5.50
N VAL B 31 -4.70 18.33 5.40
CA VAL B 31 -4.17 17.31 6.30
C VAL B 31 -4.28 17.77 7.76
N MET B 32 -3.85 18.99 8.03
CA MET B 32 -3.90 19.52 9.38
C MET B 32 -5.33 19.67 9.90
N LYS B 33 -6.26 20.08 9.04
CA LYS B 33 -7.66 20.23 9.44
C LYS B 33 -8.29 18.89 9.79
N LYS B 34 -7.97 17.87 8.99
CA LYS B 34 -8.49 16.52 9.22
C LYS B 34 -7.90 15.90 10.50
N LEU B 35 -6.72 16.37 10.93
CA LEU B 35 -6.06 15.87 12.14
C LEU B 35 -6.09 16.85 13.31
N SER B 36 -7.04 17.78 13.31
CA SER B 36 -7.18 18.72 14.44
C SER B 36 -7.49 18.00 15.75
N ASN B 37 -6.99 18.54 16.86
CA ASN B 37 -7.22 17.97 18.18
CA ASN B 37 -7.22 17.98 18.19
C ASN B 37 -6.92 16.48 18.25
N THR B 38 -5.76 16.10 17.72
CA THR B 38 -5.27 14.72 17.77
C THR B 38 -3.90 14.78 18.46
N SER B 39 -3.17 13.67 18.46
CA SER B 39 -1.82 13.65 19.05
C SER B 39 -0.77 14.29 18.12
N TYR B 40 -1.18 14.71 16.93
CA TYR B 40 -0.29 15.38 15.99
C TYR B 40 -0.07 16.85 16.33
N GLN B 41 1.17 17.30 16.16
CA GLN B 41 1.46 18.73 16.04
CA GLN B 41 1.48 18.72 16.09
C GLN B 41 2.35 18.93 14.83
N PHE B 42 2.25 20.11 14.21
CA PHE B 42 2.83 20.33 12.89
C PHE B 42 3.78 21.53 12.83
N ALA B 43 4.72 21.46 11.90
CA ALA B 43 5.50 22.61 11.48
C ALA B 43 5.57 22.55 9.97
N ALA B 44 5.87 23.67 9.33
CA ALA B 44 6.05 23.67 7.87
C ALA B 44 7.22 24.55 7.46
N VAL B 45 7.98 24.06 6.49
CA VAL B 45 9.20 24.69 6.00
C VAL B 45 9.14 24.70 4.49
N GLN B 46 9.23 25.89 3.90
CA GLN B 46 9.39 26.00 2.44
C GLN B 46 10.87 25.92 2.10
N PHE B 47 11.22 25.18 1.03
CA PHE B 47 12.60 25.17 0.57
C PHE B 47 12.67 25.43 -0.92
N SER B 48 13.71 26.15 -1.32
CA SER B 48 13.99 26.38 -2.72
C SER B 48 15.53 26.48 -2.80
N THR B 49 16.08 27.69 -2.90
CA THR B 49 17.51 27.84 -2.67
C THR B 49 17.85 27.82 -1.19
N SER B 50 17.06 28.55 -0.42
CA SER B 50 17.22 28.62 1.02
C SER B 50 15.96 28.08 1.68
N TYR B 51 15.91 28.14 3.01
CA TYR B 51 14.90 27.42 3.79
C TYR B 51 14.20 28.41 4.71
N LYS B 52 12.89 28.29 4.84
CA LYS B 52 12.14 29.19 5.70
C LYS B 52 11.11 28.42 6.47
N THR B 53 11.18 28.52 7.79
CA THR B 53 10.15 27.95 8.65
C THR B 53 8.95 28.87 8.56
N GLU B 54 7.89 28.37 7.93
CA GLU B 54 6.68 29.17 7.75
C GLU B 54 5.84 29.20 9.04
N PHE B 55 5.83 28.09 9.76
CA PHE B 55 5.36 28.09 11.15
C PHE B 55 6.02 26.92 11.87
N ASP B 56 6.19 27.06 13.18
CA ASP B 56 6.80 26.00 13.97
C ASP B 56 5.78 25.31 14.87
N PHE B 57 6.21 24.29 15.59
CA PHE B 57 5.31 23.54 16.46
C PHE B 57 4.61 24.42 17.49
N SER B 58 5.36 25.32 18.13
CA SER B 58 4.76 26.23 19.10
C SER B 58 3.68 27.11 18.46
N ASP B 59 3.86 27.50 17.19
CA ASP B 59 2.84 28.28 16.48
C ASP B 59 1.59 27.46 16.25
N TYR B 60 1.76 26.21 15.83
CA TYR B 60 0.63 25.32 15.62
C TYR B 60 -0.19 25.16 16.91
N VAL B 61 0.49 24.93 18.03
CA VAL B 61 -0.18 24.74 19.32
C VAL B 61 -0.90 26.02 19.78
N LYS B 62 -0.26 27.17 19.59
CA LYS B 62 -0.81 28.46 20.04
C LYS B 62 -2.08 28.82 19.25
N TRP B 63 -2.04 28.65 17.92
CA TRP B 63 -3.12 29.11 17.03
C TRP B 63 -4.07 28.02 16.51
N LYS B 64 -3.56 26.82 16.24
CA LYS B 64 -4.36 25.69 15.75
C LYS B 64 -5.27 26.08 14.58
N ASP B 65 -4.74 26.91 13.68
CA ASP B 65 -5.51 27.52 12.60
C ASP B 65 -4.71 27.37 11.30
N PRO B 66 -4.84 26.22 10.60
CA PRO B 66 -4.03 25.96 9.38
C PRO B 66 -4.12 27.06 8.31
N ASP B 67 -5.32 27.60 8.08
CA ASP B 67 -5.49 28.69 7.10
C ASP B 67 -4.60 29.87 7.48
N ALA B 68 -4.64 30.26 8.74
CA ALA B 68 -3.88 31.41 9.24
C ALA B 68 -2.38 31.14 9.24
N LEU B 69 -1.99 29.92 9.62
CA LEU B 69 -0.58 29.56 9.73
C LEU B 69 0.15 29.55 8.38
N LEU B 70 -0.60 29.32 7.29
CA LEU B 70 0.00 29.25 5.95
C LEU B 70 -0.44 30.38 5.03
N LYS B 71 -1.14 31.37 5.57
CA LYS B 71 -1.74 32.43 4.77
C LYS B 71 -0.71 33.28 4.04
N HIS B 72 0.46 33.47 4.66
CA HIS B 72 1.43 34.42 4.15
C HIS B 72 2.70 33.77 3.65
N VAL B 73 2.54 32.55 3.13
CA VAL B 73 3.62 31.90 2.41
C VAL B 73 3.77 32.61 1.06
N LYS B 74 5.01 32.96 0.73
CA LYS B 74 5.31 33.52 -0.58
C LYS B 74 6.23 32.56 -1.33
N HIS B 75 5.77 32.18 -2.52
CA HIS B 75 6.48 31.23 -3.37
C HIS B 75 7.88 31.77 -3.70
N MET B 76 8.91 31.03 -3.29
CA MET B 76 10.30 31.49 -3.41
C MET B 76 10.78 31.63 -4.87
N LEU B 77 10.38 30.68 -5.71
CA LEU B 77 10.66 30.68 -7.16
C LEU B 77 12.17 30.61 -7.52
N LEU B 78 12.92 29.76 -6.81
CA LEU B 78 14.36 29.59 -7.05
C LEU B 78 14.71 28.10 -7.23
N LEU B 79 15.72 27.58 -6.52
CA LEU B 79 16.23 26.22 -6.77
C LEU B 79 15.42 25.13 -6.00
N THR B 80 15.96 23.91 -5.91
CA THR B 80 15.35 22.79 -5.18
C THR B 80 16.43 22.08 -4.34
N ASN B 81 16.92 22.78 -3.33
CA ASN B 81 18.07 22.28 -2.55
C ASN B 81 17.63 21.34 -1.43
N THR B 82 17.28 20.14 -1.85
CA THR B 82 16.64 19.14 -0.98
C THR B 82 17.55 18.65 0.12
N PHE B 83 18.84 18.45 -0.16
CA PHE B 83 19.76 17.98 0.88
C PHE B 83 19.84 19.02 1.99
N GLY B 84 20.08 20.27 1.62
CA GLY B 84 20.20 21.34 2.62
C GLY B 84 18.91 21.52 3.41
N ALA B 85 17.78 21.34 2.73
CA ALA B 85 16.46 21.50 3.31
C ALA B 85 16.20 20.47 4.39
N ILE B 86 16.53 19.21 4.10
CA ILE B 86 16.36 18.13 5.07
C ILE B 86 17.27 18.31 6.27
N ASN B 87 18.53 18.70 6.05
CA ASN B 87 19.44 19.00 7.15
C ASN B 87 18.92 20.17 8.00
N TYR B 88 18.37 21.19 7.36
CA TYR B 88 17.76 22.31 8.07
C TYR B 88 16.63 21.87 9.00
N VAL B 89 15.74 21.03 8.50
CA VAL B 89 14.63 20.54 9.34
C VAL B 89 15.18 19.80 10.55
N ALA B 90 16.15 18.91 10.31
CA ALA B 90 16.71 18.06 11.36
C ALA B 90 17.33 18.85 12.51
N THR B 91 18.01 19.95 12.19
CA THR B 91 18.77 20.69 13.20
C THR B 91 18.06 21.98 13.68
N GLU B 92 17.21 22.57 12.83
CA GLU B 92 16.61 23.88 13.12
C GLU B 92 15.11 23.87 13.42
N VAL B 93 14.43 22.76 13.13
CA VAL B 93 12.98 22.69 13.33
C VAL B 93 12.60 21.74 14.45
N PHE B 94 13.18 20.54 14.47
CA PHE B 94 12.98 19.59 15.56
C PHE B 94 13.79 20.04 16.77
N ARG B 95 13.26 21.07 17.43
CA ARG B 95 13.88 21.66 18.61
CA ARG B 95 13.88 21.65 18.62
C ARG B 95 12.82 21.88 19.69
N GLU B 96 13.12 21.45 20.92
CA GLU B 96 12.18 21.60 22.02
C GLU B 96 11.83 23.06 22.28
N GLU B 97 12.81 23.94 22.11
CA GLU B 97 12.62 25.38 22.31
C GLU B 97 11.61 25.95 21.32
N LEU B 98 11.42 25.27 20.19
CA LEU B 98 10.44 25.66 19.19
C LEU B 98 9.15 24.84 19.25
N GLY B 99 8.94 24.11 20.36
CA GLY B 99 7.69 23.38 20.59
C GLY B 99 7.72 21.89 20.30
N ALA B 100 8.85 21.38 19.83
CA ALA B 100 8.97 19.93 19.59
C ALA B 100 8.90 19.17 20.91
N ARG B 101 8.31 17.98 20.86
CA ARG B 101 8.10 17.15 22.05
C ARG B 101 9.10 16.00 22.07
N PRO B 102 9.92 15.92 23.14
CA PRO B 102 10.91 14.85 23.25
C PRO B 102 10.34 13.43 23.08
N ASP B 103 9.11 13.19 23.50
CA ASP B 103 8.53 11.84 23.40
C ASP B 103 7.90 11.51 22.05
N ALA B 104 7.82 12.49 21.15
CA ALA B 104 7.09 12.32 19.89
C ALA B 104 7.87 11.56 18.82
N THR B 105 7.14 10.84 17.98
CA THR B 105 7.72 10.29 16.76
C THR B 105 7.91 11.45 15.79
N LYS B 106 9.13 11.60 15.26
CA LYS B 106 9.45 12.65 14.28
C LYS B 106 9.16 12.16 12.87
N VAL B 107 8.35 12.92 12.13
CA VAL B 107 7.95 12.55 10.78
C VAL B 107 8.16 13.74 9.86
N LEU B 108 8.66 13.46 8.65
CA LEU B 108 8.87 14.44 7.60
C LEU B 108 8.04 14.01 6.39
N ILE B 109 7.28 14.95 5.84
CA ILE B 109 6.66 14.76 4.53
C ILE B 109 7.28 15.79 3.60
N ILE B 110 8.09 15.29 2.67
CA ILE B 110 8.80 16.12 1.69
C ILE B 110 7.97 16.13 0.42
N ILE B 111 7.72 17.32 -0.13
CA ILE B 111 6.88 17.45 -1.33
C ILE B 111 7.68 18.20 -2.37
N THR B 112 7.85 17.60 -3.56
CA THR B 112 8.74 18.16 -4.57
C THR B 112 8.26 17.89 -5.98
N ASP B 113 8.60 18.78 -6.91
CA ASP B 113 8.30 18.56 -8.32
C ASP B 113 9.52 18.21 -9.18
N GLY B 114 10.67 17.95 -8.56
CA GLY B 114 11.85 17.64 -9.34
C GLY B 114 13.04 17.15 -8.56
N GLU B 115 14.11 16.87 -9.28
CA GLU B 115 15.33 16.36 -8.68
C GLU B 115 16.04 17.47 -7.93
N ALA B 116 16.75 17.08 -6.88
CA ALA B 116 17.50 18.01 -6.05
C ALA B 116 18.56 18.73 -6.87
N THR B 117 18.74 20.01 -6.55
CA THR B 117 19.74 20.86 -7.20
C THR B 117 21.03 20.97 -6.38
N ASP B 118 21.11 20.25 -5.26
CA ASP B 118 22.32 20.23 -4.45
C ASP B 118 22.82 18.81 -4.18
N SER B 119 23.89 18.71 -3.40
CA SER B 119 24.52 17.45 -3.05
C SER B 119 24.79 17.42 -1.55
N GLY B 120 25.11 16.23 -1.05
CA GLY B 120 25.47 16.10 0.36
C GLY B 120 25.01 14.77 0.90
N ASN B 121 24.68 14.75 2.20
CA ASN B 121 24.07 13.58 2.83
C ASN B 121 22.99 14.04 3.81
N ILE B 122 22.15 13.12 4.27
CA ILE B 122 21.14 13.43 5.27
C ILE B 122 21.32 12.60 6.53
N ASP B 123 22.57 12.30 6.85
CA ASP B 123 22.92 11.61 8.09
C ASP B 123 22.24 12.25 9.31
N ALA B 124 22.15 13.58 9.33
CA ALA B 124 21.58 14.29 10.47
C ALA B 124 20.09 14.03 10.69
N ALA B 125 19.43 13.54 9.65
CA ALA B 125 18.00 13.25 9.68
C ALA B 125 17.69 11.76 9.79
N LYS B 126 18.66 10.92 10.12
CA LYS B 126 18.43 9.47 10.11
C LYS B 126 17.39 8.98 11.14
N ASP B 127 17.14 9.75 12.20
CA ASP B 127 16.13 9.37 13.20
C ASP B 127 14.73 9.92 12.89
N ILE B 128 14.55 10.53 11.73
CA ILE B 128 13.27 11.06 11.32
C ILE B 128 12.67 10.10 10.31
N ILE B 129 11.39 9.80 10.44
CA ILE B 129 10.68 8.96 9.46
C ILE B 129 10.34 9.87 8.28
N ARG B 130 10.82 9.51 7.07
CA ARG B 130 10.79 10.41 5.94
C ARG B 130 9.98 9.86 4.77
N TYR B 131 8.87 10.54 4.47
CA TYR B 131 8.08 10.30 3.27
C TYR B 131 8.48 11.36 2.24
N ILE B 132 8.53 10.99 0.97
CA ILE B 132 8.72 11.96 -0.10
C ILE B 132 7.65 11.76 -1.17
N ILE B 133 7.07 12.86 -1.60
CA ILE B 133 6.02 12.88 -2.63
C ILE B 133 6.59 13.61 -3.82
N GLY B 134 6.82 12.88 -4.91
CA GLY B 134 7.36 13.45 -6.15
C GLY B 134 6.23 13.61 -7.13
N ILE B 135 6.01 14.83 -7.59
CA ILE B 135 4.81 15.13 -8.39
C ILE B 135 5.16 15.64 -9.77
N GLY B 136 4.52 15.06 -10.79
CA GLY B 136 4.48 15.66 -12.11
C GLY B 136 5.43 15.08 -13.13
N LYS B 137 5.54 15.79 -14.25
CA LYS B 137 6.21 15.30 -15.44
C LYS B 137 7.71 15.06 -15.29
N HIS B 138 8.34 15.69 -14.30
CA HIS B 138 9.77 15.48 -14.08
C HIS B 138 10.07 14.10 -13.50
N PHE B 139 9.03 13.40 -13.03
CA PHE B 139 9.20 12.03 -12.52
C PHE B 139 8.60 10.97 -13.45
N GLN B 140 8.55 11.27 -14.74
CA GLN B 140 8.11 10.34 -15.76
C GLN B 140 8.94 9.07 -15.79
N THR B 141 10.27 9.23 -15.82
CA THR B 141 11.17 8.08 -15.92
C THR B 141 11.36 7.39 -14.58
N LYS B 142 11.56 6.08 -14.64
CA LYS B 142 11.85 5.30 -13.45
CA LYS B 142 11.87 5.28 -13.47
C LYS B 142 13.15 5.80 -12.81
N GLU B 143 14.10 6.19 -13.65
CA GLU B 143 15.37 6.72 -13.17
CA GLU B 143 15.37 6.74 -13.19
C GLU B 143 15.18 8.00 -12.32
N SER B 144 14.32 8.91 -12.77
CA SER B 144 14.08 10.15 -12.00
C SER B 144 13.44 9.84 -10.66
N GLN B 145 12.50 8.90 -10.68
CA GLN B 145 11.82 8.47 -9.46
C GLN B 145 12.81 7.91 -8.44
N GLU B 146 13.77 7.12 -8.93
CA GLU B 146 14.75 6.48 -8.06
C GLU B 146 15.70 7.48 -7.39
N THR B 147 15.87 8.67 -7.97
CA THR B 147 16.67 9.73 -7.33
C THR B 147 16.09 10.17 -5.99
N LEU B 148 14.79 9.93 -5.77
CA LEU B 148 14.15 10.35 -4.52
C LEU B 148 14.37 9.37 -3.39
N HIS B 149 14.76 8.13 -3.71
CA HIS B 149 14.84 7.08 -2.69
C HIS B 149 15.83 7.45 -1.58
N LYS B 150 16.92 8.10 -1.94
CA LYS B 150 17.96 8.46 -0.98
C LYS B 150 17.51 9.45 0.11
N PHE B 151 16.40 10.14 -0.12
CA PHE B 151 15.88 11.13 0.84
C PHE B 151 14.89 10.53 1.81
N ALA B 152 14.30 9.40 1.44
CA ALA B 152 13.18 8.79 2.16
C ALA B 152 13.61 7.58 2.97
N SER B 153 12.75 7.20 3.90
CA SER B 153 12.95 5.99 4.66
C SER B 153 12.74 4.79 3.75
N LYS B 154 13.07 3.59 4.25
CA LYS B 154 12.92 2.35 3.48
C LYS B 154 11.88 1.44 4.11
N PRO B 155 11.10 0.68 3.28
CA PRO B 155 11.23 0.54 1.82
C PRO B 155 10.68 1.74 1.03
N ALA B 156 11.33 2.05 -0.08
CA ALA B 156 10.86 3.08 -0.99
C ALA B 156 9.40 2.85 -1.41
N SER B 157 8.98 1.58 -1.52
CA SER B 157 7.59 1.30 -1.90
C SER B 157 6.55 1.82 -0.89
N GLU B 158 6.95 2.00 0.37
CA GLU B 158 6.12 2.64 1.40
C GLU B 158 6.32 4.15 1.41
N PHE B 159 7.58 4.58 1.38
CA PHE B 159 7.91 5.98 1.71
C PHE B 159 8.04 6.94 0.53
N VAL B 160 8.19 6.41 -0.68
CA VAL B 160 8.28 7.26 -1.88
C VAL B 160 6.97 7.16 -2.66
N LYS B 161 6.26 8.28 -2.76
CA LYS B 161 5.02 8.35 -3.50
C LYS B 161 5.29 9.14 -4.78
N ILE B 162 4.94 8.56 -5.92
CA ILE B 162 5.05 9.24 -7.20
C ILE B 162 3.64 9.53 -7.71
N LEU B 163 3.33 10.82 -7.87
CA LEU B 163 2.03 11.28 -8.35
CA LEU B 163 2.03 11.26 -8.35
C LEU B 163 2.17 11.90 -9.73
N ASP B 164 1.29 11.53 -10.65
CA ASP B 164 1.37 12.09 -11.99
C ASP B 164 0.91 13.54 -12.09
N THR B 165 0.01 13.95 -11.19
CA THR B 165 -0.53 15.31 -11.20
C THR B 165 -0.70 15.85 -9.79
N PHE B 166 -0.83 17.17 -9.66
CA PHE B 166 -1.04 17.81 -8.34
C PHE B 166 -2.44 17.55 -7.82
N GLU B 167 -3.38 17.28 -8.72
CA GLU B 167 -4.73 16.90 -8.34
C GLU B 167 -4.76 15.61 -7.51
N LYS B 168 -3.76 14.74 -7.71
CA LYS B 168 -3.69 13.48 -6.95
C LYS B 168 -3.27 13.63 -5.48
N LEU B 169 -2.85 14.81 -5.05
CA LEU B 169 -2.56 15.04 -3.61
C LEU B 169 -3.80 14.72 -2.76
N LYS B 170 -4.97 15.02 -3.30
CA LYS B 170 -6.25 14.71 -2.66
C LYS B 170 -6.42 13.24 -2.32
N ASP B 171 -5.83 12.36 -3.13
CA ASP B 171 -5.98 10.92 -2.96
C ASP B 171 -5.11 10.32 -1.85
N LEU B 172 -4.22 11.12 -1.25
CA LEU B 172 -3.33 10.63 -0.20
C LEU B 172 -3.93 10.66 1.22
N PHE B 173 -5.01 11.43 1.42
CA PHE B 173 -5.56 11.66 2.77
C PHE B 173 -5.88 10.40 3.56
N THR B 174 -6.62 9.49 2.93
CA THR B 174 -7.05 8.26 3.61
C THR B 174 -5.84 7.48 4.10
N GLU B 175 -4.80 7.39 3.27
CA GLU B 175 -3.59 6.66 3.64
C GLU B 175 -2.84 7.33 4.78
N LEU B 176 -2.65 8.64 4.65
CA LEU B 176 -1.96 9.42 5.67
C LEU B 176 -2.66 9.27 7.03
N GLN B 177 -3.98 9.38 7.03
CA GLN B 177 -4.75 9.32 8.28
C GLN B 177 -4.76 7.94 8.94
N LYS B 178 -4.57 6.90 8.14
CA LYS B 178 -4.56 5.53 8.65
C LYS B 178 -3.22 5.13 9.27
N LYS B 179 -2.17 5.96 9.14
CA LYS B 179 -0.86 5.57 9.68
C LYS B 179 -0.90 5.47 11.19
N ILE B 180 -0.26 4.42 11.71
CA ILE B 180 -0.03 4.24 13.14
C ILE B 180 1.48 4.07 13.29
N TYR B 181 2.12 5.07 13.88
CA TYR B 181 3.58 5.09 13.96
C TYR B 181 4.11 4.23 15.09
N GLY C 2 -38.12 2.57 -7.27
CA GLY C 2 -36.80 2.45 -6.56
C GLY C 2 -36.07 1.14 -6.83
N ASN C 3 -36.60 0.34 -7.73
CA ASN C 3 -35.97 -0.92 -8.11
C ASN C 3 -34.81 -0.67 -9.06
N VAL C 4 -33.72 -1.40 -8.84
CA VAL C 4 -32.50 -1.32 -9.64
C VAL C 4 -32.08 -2.73 -10.09
N ASP C 5 -31.90 -2.90 -11.40
CA ASP C 5 -31.37 -4.12 -12.00
C ASP C 5 -29.96 -3.80 -12.45
N LEU C 6 -28.96 -4.34 -11.75
CA LEU C 6 -27.57 -3.97 -11.98
C LEU C 6 -26.75 -5.14 -12.48
N VAL C 7 -26.02 -4.90 -13.56
CA VAL C 7 -25.10 -5.87 -14.12
C VAL C 7 -23.66 -5.44 -13.88
N PHE C 8 -22.85 -6.36 -13.37
CA PHE C 8 -21.40 -6.19 -13.33
C PHE C 8 -20.82 -6.79 -14.62
N LEU C 9 -20.04 -6.00 -15.33
CA LEU C 9 -19.37 -6.44 -16.57
C LEU C 9 -17.87 -6.30 -16.31
N PHE C 10 -17.21 -7.45 -16.16
CA PHE C 10 -15.86 -7.47 -15.66
C PHE C 10 -14.86 -8.13 -16.62
N ASP C 11 -13.74 -7.43 -16.76
CA ASP C 11 -12.62 -7.75 -17.65
C ASP C 11 -11.91 -9.01 -17.17
N GLY C 12 -11.77 -9.99 -18.05
CA GLY C 12 -11.01 -11.22 -17.76
C GLY C 12 -9.79 -11.37 -18.66
N SER C 13 -9.21 -10.25 -19.09
CA SER C 13 -8.09 -10.28 -20.04
C SER C 13 -6.81 -10.86 -19.45
N MET C 14 -5.89 -11.21 -20.35
CA MET C 14 -4.63 -11.85 -19.97
C MET C 14 -3.71 -10.98 -19.13
N SER C 15 -3.92 -9.66 -19.15
CA SER C 15 -3.06 -8.75 -18.42
C SER C 15 -3.31 -8.77 -16.92
N LEU C 16 -4.46 -9.30 -16.50
CA LEU C 16 -4.80 -9.35 -15.08
C LEU C 16 -4.05 -10.46 -14.37
N GLN C 17 -3.35 -10.10 -13.29
CA GLN C 17 -2.73 -11.08 -12.41
C GLN C 17 -3.82 -11.83 -11.63
N PRO C 18 -3.53 -13.05 -11.18
CA PRO C 18 -4.53 -13.83 -10.42
C PRO C 18 -5.17 -13.05 -9.26
N ASP C 19 -4.34 -12.37 -8.48
CA ASP C 19 -4.85 -11.63 -7.31
C ASP C 19 -5.68 -10.43 -7.72
N GLU C 20 -5.38 -9.84 -8.87
CA GLU C 20 -6.11 -8.68 -9.39
C GLU C 20 -7.50 -9.13 -9.81
N PHE C 21 -7.57 -10.25 -10.52
CA PHE C 21 -8.85 -10.84 -10.92
C PHE C 21 -9.70 -11.15 -9.67
N GLN C 22 -9.08 -11.76 -8.65
CA GLN C 22 -9.77 -12.06 -7.41
C GLN C 22 -10.33 -10.81 -6.73
N LYS C 23 -9.55 -9.73 -6.74
CA LYS C 23 -9.97 -8.47 -6.13
C LYS C 23 -11.22 -7.91 -6.85
N ILE C 24 -11.31 -8.13 -8.16
CA ILE C 24 -12.51 -7.73 -8.91
C ILE C 24 -13.71 -8.53 -8.42
N LEU C 25 -13.55 -9.85 -8.27
CA LEU C 25 -14.64 -10.71 -7.80
C LEU C 25 -15.08 -10.30 -6.41
N ASP C 26 -14.11 -10.01 -5.54
CA ASP C 26 -14.39 -9.62 -4.16
C ASP C 26 -15.14 -8.30 -4.10
N PHE C 27 -14.77 -7.36 -4.97
CA PHE C 27 -15.51 -6.09 -5.10
C PHE C 27 -16.98 -6.33 -5.48
N MET C 28 -17.23 -7.18 -6.46
CA MET C 28 -18.61 -7.47 -6.88
C MET C 28 -19.40 -8.09 -5.73
N LYS C 29 -18.79 -9.04 -5.03
CA LYS C 29 -19.45 -9.67 -3.88
C LYS C 29 -19.80 -8.67 -2.79
N ASP C 30 -18.88 -7.74 -2.51
CA ASP C 30 -19.11 -6.73 -1.49
C ASP C 30 -20.28 -5.81 -1.86
N VAL C 31 -20.35 -5.39 -3.12
CA VAL C 31 -21.43 -4.54 -3.55
C VAL C 31 -22.77 -5.27 -3.34
N MET C 32 -22.82 -6.53 -3.78
CA MET C 32 -24.02 -7.36 -3.63
C MET C 32 -24.46 -7.55 -2.18
N LYS C 33 -23.50 -7.81 -1.30
CA LYS C 33 -23.81 -8.01 0.12
C LYS C 33 -24.31 -6.71 0.79
N LYS C 34 -23.73 -5.58 0.42
CA LYS C 34 -24.10 -4.29 1.00
C LYS C 34 -25.47 -3.80 0.51
N LEU C 35 -25.87 -4.21 -0.69
CA LEU C 35 -27.15 -3.84 -1.30
C LEU C 35 -28.08 -5.05 -1.45
N SER C 36 -28.04 -5.94 -0.46
CA SER C 36 -28.81 -7.17 -0.48
C SER C 36 -30.22 -6.95 0.06
N ASN C 37 -31.06 -6.32 -0.75
CA ASN C 37 -32.46 -6.08 -0.40
C ASN C 37 -33.27 -6.19 -1.65
N THR C 38 -34.58 -6.28 -1.48
CA THR C 38 -35.50 -6.61 -2.58
C THR C 38 -35.56 -5.55 -3.69
N SER C 39 -35.13 -4.33 -3.42
CA SER C 39 -35.04 -3.31 -4.47
C SER C 39 -33.98 -3.61 -5.52
N TYR C 40 -32.92 -4.33 -5.14
CA TYR C 40 -31.78 -4.60 -6.03
C TYR C 40 -31.77 -6.06 -6.50
N GLN C 41 -31.57 -6.24 -7.82
CA GLN C 41 -31.20 -7.52 -8.41
C GLN C 41 -29.88 -7.34 -9.14
N PHE C 42 -29.11 -8.42 -9.21
CA PHE C 42 -27.80 -8.41 -9.83
C PHE C 42 -27.61 -9.53 -10.86
N ALA C 43 -26.77 -9.24 -11.85
CA ALA C 43 -26.22 -10.21 -12.77
C ALA C 43 -24.74 -9.90 -12.98
N ALA C 44 -23.99 -10.88 -13.49
CA ALA C 44 -22.56 -10.67 -13.75
C ALA C 44 -22.17 -11.33 -15.07
N VAL C 45 -21.37 -10.59 -15.85
CA VAL C 45 -20.87 -11.02 -17.15
C VAL C 45 -19.36 -10.80 -17.17
N GLN C 46 -18.60 -11.85 -17.47
CA GLN C 46 -17.17 -11.75 -17.75
C GLN C 46 -16.99 -11.50 -19.24
N PHE C 47 -16.07 -10.60 -19.58
CA PHE C 47 -15.69 -10.36 -20.98
C PHE C 47 -14.20 -10.38 -21.17
N SER C 48 -13.79 -10.91 -22.31
CA SER C 48 -12.40 -10.85 -22.73
C SER C 48 -12.45 -10.77 -24.26
N THR C 49 -12.15 -11.86 -24.97
CA THR C 49 -12.42 -11.88 -26.40
C THR C 49 -13.91 -12.11 -26.64
N SER C 50 -14.51 -13.03 -25.89
CA SER C 50 -15.95 -13.25 -25.94
C SER C 50 -16.57 -13.01 -24.55
N TYR C 51 -17.84 -13.37 -24.40
CA TYR C 51 -18.65 -12.94 -23.26
C TYR C 51 -19.33 -14.14 -22.64
N LYS C 52 -19.41 -14.12 -21.30
CA LYS C 52 -20.08 -15.19 -20.59
C LYS C 52 -20.90 -14.60 -19.45
N THR C 53 -22.19 -14.90 -19.45
CA THR C 53 -23.04 -14.64 -18.30
C THR C 53 -22.67 -15.62 -17.20
N GLU C 54 -22.14 -15.10 -16.09
CA GLU C 54 -21.73 -15.95 -14.98
C GLU C 54 -22.93 -16.30 -14.09
N PHE C 55 -23.83 -15.33 -13.93
CA PHE C 55 -25.16 -15.55 -13.36
C PHE C 55 -26.10 -14.44 -13.81
N ASP C 56 -27.38 -14.75 -13.92
CA ASP C 56 -28.35 -13.76 -14.37
C ASP C 56 -29.29 -13.34 -13.24
N PHE C 57 -30.16 -12.38 -13.50
CA PHE C 57 -31.05 -11.87 -12.46
C PHE C 57 -31.90 -12.96 -11.81
N SER C 58 -32.43 -13.88 -12.60
CA SER C 58 -33.22 -14.96 -12.04
C SER C 58 -32.38 -15.86 -11.13
N ASP C 59 -31.12 -16.10 -11.50
CA ASP C 59 -30.22 -16.91 -10.64
C ASP C 59 -29.99 -16.19 -9.32
N TYR C 60 -29.76 -14.89 -9.40
CA TYR C 60 -29.55 -14.07 -8.22
C TYR C 60 -30.73 -14.19 -7.25
N VAL C 61 -31.95 -14.03 -7.77
CA VAL C 61 -33.17 -14.08 -6.95
C VAL C 61 -33.35 -15.46 -6.32
N LYS C 62 -33.03 -16.50 -7.08
CA LYS C 62 -33.19 -17.88 -6.63
C LYS C 62 -32.23 -18.21 -5.49
N TRP C 63 -30.97 -17.78 -5.62
CA TRP C 63 -29.90 -18.17 -4.71
C TRP C 63 -29.53 -17.11 -3.65
N LYS C 64 -29.52 -15.83 -4.04
CA LYS C 64 -29.17 -14.72 -3.12
C LYS C 64 -27.87 -14.94 -2.33
N ASP C 65 -26.89 -15.56 -2.97
CA ASP C 65 -25.68 -16.04 -2.33
C ASP C 65 -24.52 -15.66 -3.26
N PRO C 66 -23.95 -14.44 -3.07
CA PRO C 66 -22.91 -13.98 -3.99
C PRO C 66 -21.68 -14.92 -4.09
N ASP C 67 -21.24 -15.49 -2.96
CA ASP C 67 -20.11 -16.42 -3.02
C ASP C 67 -20.41 -17.60 -3.95
N ALA C 68 -21.60 -18.18 -3.81
CA ALA C 68 -21.98 -19.34 -4.63
C ALA C 68 -22.16 -18.94 -6.09
N LEU C 69 -22.74 -17.75 -6.32
CA LEU C 69 -23.02 -17.29 -7.68
C LEU C 69 -21.75 -17.06 -8.49
N LEU C 70 -20.63 -16.73 -7.81
CA LEU C 70 -19.36 -16.44 -8.49
C LEU C 70 -18.29 -17.53 -8.29
N LYS C 71 -18.67 -18.64 -7.67
CA LYS C 71 -17.71 -19.67 -7.28
C LYS C 71 -16.97 -20.29 -8.46
N HIS C 72 -17.66 -20.40 -9.58
CA HIS C 72 -17.13 -21.14 -10.74
C HIS C 72 -16.75 -20.26 -11.92
N VAL C 73 -16.46 -19.00 -11.62
CA VAL C 73 -15.89 -18.09 -12.61
C VAL C 73 -14.48 -18.58 -12.91
N LYS C 74 -14.17 -18.75 -14.19
CA LYS C 74 -12.81 -19.08 -14.65
C LYS C 74 -12.29 -17.91 -15.48
N HIS C 75 -11.13 -17.41 -15.08
CA HIS C 75 -10.48 -16.28 -15.72
C HIS C 75 -10.18 -16.62 -17.18
N MET C 76 -10.75 -15.84 -18.11
CA MET C 76 -10.68 -16.14 -19.53
C MET C 76 -9.28 -16.03 -20.15
N LEU C 77 -8.55 -14.99 -19.75
CA LEU C 77 -7.15 -14.75 -20.15
C LEU C 77 -6.97 -14.46 -21.65
N LEU C 78 -7.87 -13.69 -22.24
CA LEU C 78 -7.76 -13.34 -23.67
C LEU C 78 -7.75 -11.81 -23.86
N LEU C 79 -8.53 -11.26 -24.81
CA LEU C 79 -8.46 -9.82 -25.15
C LEU C 79 -9.42 -8.95 -24.30
N THR C 80 -9.75 -7.73 -24.75
CA THR C 80 -10.63 -6.80 -24.01
C THR C 80 -11.68 -6.15 -24.93
N ASN C 81 -12.62 -6.97 -25.41
CA ASN C 81 -13.59 -6.50 -26.41
C ASN C 81 -14.78 -5.81 -25.72
N THR C 82 -14.50 -4.62 -25.21
CA THR C 82 -15.44 -3.85 -24.41
C THR C 82 -16.72 -3.44 -25.15
N PHE C 83 -16.61 -3.02 -26.41
CA PHE C 83 -17.82 -2.65 -27.18
C PHE C 83 -18.76 -3.84 -27.34
N GLY C 84 -18.18 -4.98 -27.71
CA GLY C 84 -18.96 -6.18 -27.90
C GLY C 84 -19.60 -6.64 -26.61
N ALA C 85 -18.88 -6.45 -25.51
CA ALA C 85 -19.34 -6.84 -24.18
C ALA C 85 -20.55 -6.03 -23.71
N ILE C 86 -20.48 -4.71 -23.90
CA ILE C 86 -21.56 -3.81 -23.52
C ILE C 86 -22.81 -4.11 -24.37
N ASN C 87 -22.62 -4.33 -25.66
CA ASN C 87 -23.73 -4.74 -26.52
C ASN C 87 -24.36 -6.06 -26.08
N TYR C 88 -23.50 -7.02 -25.69
CA TYR C 88 -23.97 -8.31 -25.19
C TYR C 88 -24.84 -8.12 -23.96
N VAL C 89 -24.41 -7.26 -23.04
CA VAL C 89 -25.22 -7.02 -21.83
C VAL C 89 -26.59 -6.45 -22.20
N ALA C 90 -26.58 -5.43 -23.05
CA ALA C 90 -27.81 -4.73 -23.45
C ALA C 90 -28.83 -5.68 -24.07
N THR C 91 -28.37 -6.62 -24.90
CA THR C 91 -29.30 -7.47 -25.64
C THR C 91 -29.52 -8.86 -25.04
N GLU C 92 -28.55 -9.38 -24.29
CA GLU C 92 -28.59 -10.76 -23.80
C GLU C 92 -28.84 -10.91 -22.31
N VAL C 93 -28.65 -9.86 -21.52
CA VAL C 93 -28.79 -9.96 -20.06
C VAL C 93 -30.01 -9.24 -19.54
N PHE C 94 -30.28 -8.04 -20.07
CA PHE C 94 -31.44 -7.26 -19.68
C PHE C 94 -32.67 -7.75 -20.44
N ARG C 95 -33.16 -8.93 -20.01
CA ARG C 95 -34.31 -9.60 -20.62
C ARG C 95 -35.24 -10.07 -19.52
N GLU C 96 -36.52 -9.78 -19.65
CA GLU C 96 -37.52 -10.22 -18.69
C GLU C 96 -37.52 -11.75 -18.52
N GLU C 97 -37.31 -12.47 -19.62
CA GLU C 97 -37.26 -13.93 -19.55
C GLU C 97 -36.12 -14.45 -18.67
N LEU C 98 -35.08 -13.63 -18.47
CA LEU C 98 -33.97 -13.98 -17.58
C LEU C 98 -34.04 -13.28 -16.23
N GLY C 99 -35.22 -12.78 -15.88
CA GLY C 99 -35.45 -12.20 -14.54
C GLY C 99 -35.42 -10.68 -14.43
N ALA C 100 -35.09 -9.99 -15.51
CA ALA C 100 -35.08 -8.53 -15.51
C ALA C 100 -36.50 -7.99 -15.25
N ARG C 101 -36.58 -6.88 -14.55
CA ARG C 101 -37.85 -6.24 -14.20
C ARG C 101 -38.06 -5.02 -15.08
N PRO C 102 -39.14 -5.00 -15.89
CA PRO C 102 -39.35 -3.83 -16.75
C PRO C 102 -39.41 -2.48 -15.99
N ASP C 103 -39.87 -2.49 -14.74
CA ASP C 103 -40.00 -1.25 -13.96
C ASP C 103 -38.67 -0.71 -13.44
N ALA C 104 -37.64 -1.56 -13.42
CA ALA C 104 -36.40 -1.23 -12.72
C ALA C 104 -35.52 -0.27 -13.51
N THR C 105 -34.73 0.50 -12.78
CA THR C 105 -33.67 1.29 -13.40
C THR C 105 -32.50 0.36 -13.76
N LYS C 106 -32.09 0.39 -15.03
CA LYS C 106 -30.98 -0.44 -15.50
C LYS C 106 -29.64 0.23 -15.21
N VAL C 107 -28.74 -0.52 -14.58
CA VAL C 107 -27.41 -0.03 -14.26
C VAL C 107 -26.34 -1.05 -14.67
N LEU C 108 -25.21 -0.53 -15.16
CA LEU C 108 -24.07 -1.32 -15.55
C LEU C 108 -22.86 -0.77 -14.82
N ILE C 109 -22.15 -1.64 -14.09
CA ILE C 109 -20.83 -1.31 -13.57
C ILE C 109 -19.82 -2.11 -14.40
N ILE C 110 -18.96 -1.38 -15.11
CA ILE C 110 -17.93 -1.99 -15.96
C ILE C 110 -16.58 -1.84 -15.25
N ILE C 111 -15.83 -2.95 -15.14
CA ILE C 111 -14.53 -2.94 -14.49
C ILE C 111 -13.49 -3.47 -15.47
N THR C 112 -12.48 -2.66 -15.76
CA THR C 112 -11.48 -3.01 -16.78
C THR C 112 -10.07 -2.54 -16.42
N ASP C 113 -9.07 -3.19 -17.01
CA ASP C 113 -7.67 -2.83 -16.75
C ASP C 113 -6.93 -2.34 -17.99
N GLY C 114 -7.66 -2.04 -19.06
CA GLY C 114 -7.03 -1.48 -20.23
C GLY C 114 -8.01 -1.03 -21.29
N GLU C 115 -7.47 -0.47 -22.37
CA GLU C 115 -8.29 0.07 -23.44
C GLU C 115 -8.97 -1.06 -24.22
N ALA C 116 -10.14 -0.77 -24.78
CA ALA C 116 -10.88 -1.72 -25.58
C ALA C 116 -10.04 -2.19 -26.78
N THR C 117 -10.11 -3.49 -27.07
CA THR C 117 -9.44 -4.06 -28.24
C THR C 117 -10.37 -4.20 -29.45
N ASP C 118 -11.59 -3.70 -29.32
CA ASP C 118 -12.54 -3.66 -30.42
C ASP C 118 -13.05 -2.23 -30.62
N SER C 119 -13.95 -2.06 -31.58
CA SER C 119 -14.49 -0.77 -31.93
C SER C 119 -15.95 -0.96 -32.25
N GLY C 120 -16.66 0.13 -32.44
CA GLY C 120 -18.07 0.07 -32.82
C GLY C 120 -18.82 1.19 -32.12
N ASN C 121 -20.00 0.86 -31.62
CA ASN C 121 -20.83 1.79 -30.88
C ASN C 121 -21.61 1.06 -29.80
N ILE C 122 -22.07 1.80 -28.79
CA ILE C 122 -22.91 1.21 -27.74
C ILE C 122 -24.29 1.85 -27.70
N ASP C 123 -24.82 2.18 -28.88
CA ASP C 123 -26.16 2.77 -28.97
C ASP C 123 -27.25 1.89 -28.31
N ALA C 124 -27.08 0.58 -28.38
CA ALA C 124 -28.05 -0.35 -27.81
C ALA C 124 -28.12 -0.24 -26.28
N ALA C 125 -27.08 0.32 -25.69
CA ALA C 125 -26.97 0.44 -24.23
C ALA C 125 -27.22 1.87 -23.70
N LYS C 126 -27.69 2.78 -24.54
CA LYS C 126 -27.76 4.19 -24.13
CA LYS C 126 -27.81 4.20 -24.18
C LYS C 126 -28.75 4.45 -22.98
N ASP C 127 -29.75 3.60 -22.83
CA ASP C 127 -30.74 3.75 -21.75
C ASP C 127 -30.28 3.15 -20.40
N ILE C 128 -29.10 2.53 -20.40
CA ILE C 128 -28.54 1.94 -19.18
C ILE C 128 -27.60 2.97 -18.53
N ILE C 129 -27.74 3.16 -17.22
CA ILE C 129 -26.81 4.00 -16.47
C ILE C 129 -25.48 3.24 -16.38
N ARG C 130 -24.41 3.87 -16.83
CA ARG C 130 -23.13 3.19 -16.97
C ARG C 130 -22.03 3.85 -16.17
N TYR C 131 -21.49 3.09 -15.21
CA TYR C 131 -20.38 3.54 -14.36
C TYR C 131 -19.20 2.64 -14.69
N ILE C 132 -18.07 3.22 -15.11
CA ILE C 132 -16.92 2.43 -15.52
C ILE C 132 -15.72 2.71 -14.63
N ILE C 133 -15.06 1.63 -14.22
CA ILE C 133 -13.90 1.69 -13.36
C ILE C 133 -12.70 1.17 -14.15
N GLY C 134 -11.73 2.03 -14.39
CA GLY C 134 -10.48 1.67 -15.08
C GLY C 134 -9.36 1.60 -14.06
N ILE C 135 -8.65 0.48 -14.02
CA ILE C 135 -7.68 0.21 -12.95
C ILE C 135 -6.29 -0.04 -13.48
N GLY C 136 -5.29 0.62 -12.88
CA GLY C 136 -3.90 0.23 -13.03
C GLY C 136 -3.06 0.97 -14.06
N LYS C 137 -1.89 0.40 -14.33
CA LYS C 137 -0.85 1.06 -15.11
C LYS C 137 -1.25 1.46 -16.54
N HIS C 138 -2.19 0.76 -17.15
CA HIS C 138 -2.62 1.08 -18.50
C HIS C 138 -3.50 2.32 -18.60
N PHE C 139 -3.90 2.87 -17.46
CA PHE C 139 -4.64 4.15 -17.43
C PHE C 139 -3.83 5.29 -16.82
N GLN C 140 -2.51 5.21 -16.97
CA GLN C 140 -1.61 6.25 -16.50
C GLN C 140 -1.87 7.56 -17.26
N THR C 141 -1.87 7.48 -18.58
CA THR C 141 -2.01 8.69 -19.40
C THR C 141 -3.45 9.21 -19.38
N LYS C 142 -3.56 10.53 -19.45
CA LYS C 142 -4.86 11.19 -19.53
C LYS C 142 -5.63 10.67 -20.75
N GLU C 143 -4.92 10.52 -21.86
CA GLU C 143 -5.55 10.08 -23.10
C GLU C 143 -6.18 8.69 -22.93
N SER C 144 -5.49 7.77 -22.26
CA SER C 144 -6.02 6.41 -22.04
C SER C 144 -7.29 6.42 -21.20
N GLN C 145 -7.30 7.28 -20.18
CA GLN C 145 -8.46 7.44 -19.30
C GLN C 145 -9.66 8.00 -20.06
N GLU C 146 -9.40 8.98 -20.93
CA GLU C 146 -10.47 9.59 -21.72
C GLU C 146 -11.12 8.62 -22.72
N THR C 147 -10.44 7.54 -23.09
CA THR C 147 -11.03 6.53 -23.98
C THR C 147 -12.21 5.81 -23.31
N LEU C 148 -12.30 5.88 -21.99
CA LEU C 148 -13.40 5.24 -21.25
C LEU C 148 -14.66 6.08 -21.22
N HIS C 149 -14.55 7.37 -21.54
CA HIS C 149 -15.68 8.30 -21.38
C HIS C 149 -16.85 7.90 -22.27
N LYS C 150 -16.54 7.41 -23.47
CA LYS C 150 -17.58 7.01 -24.41
C LYS C 150 -18.44 5.85 -23.92
N PHE C 151 -17.94 5.07 -22.96
CA PHE C 151 -18.69 3.94 -22.43
C PHE C 151 -19.60 4.32 -21.27
N ALA C 152 -19.34 5.47 -20.65
CA ALA C 152 -20.00 5.83 -19.39
C ALA C 152 -21.11 6.86 -19.58
N SER C 153 -21.99 6.90 -18.60
CA SER C 153 -23.00 7.95 -18.52
C SER C 153 -22.34 9.31 -18.30
N LYS C 154 -23.12 10.37 -18.49
CA LYS C 154 -22.65 11.74 -18.30
C LYS C 154 -23.01 12.31 -16.92
N PRO C 155 -22.11 13.10 -16.32
CA PRO C 155 -20.80 13.51 -16.80
C PRO C 155 -19.72 12.47 -16.49
N ALA C 156 -18.66 12.47 -17.29
CA ALA C 156 -17.56 11.53 -17.09
C ALA C 156 -16.93 11.72 -15.72
N SER C 157 -16.93 12.96 -15.22
CA SER C 157 -16.37 13.24 -13.89
C SER C 157 -17.06 12.43 -12.78
N GLU C 158 -18.32 12.07 -12.98
CA GLU C 158 -19.10 11.32 -11.98
C GLU C 158 -19.20 9.83 -12.29
N PHE C 159 -19.09 9.45 -13.56
CA PHE C 159 -19.34 8.05 -13.96
C PHE C 159 -18.13 7.29 -14.50
N VAL C 160 -16.98 7.95 -14.57
CA VAL C 160 -15.70 7.28 -14.86
C VAL C 160 -14.82 7.39 -13.63
N LYS C 161 -14.39 6.24 -13.12
CA LYS C 161 -13.50 6.19 -11.97
C LYS C 161 -12.19 5.52 -12.36
N ILE C 162 -11.09 6.24 -12.20
CA ILE C 162 -9.78 5.69 -12.46
C ILE C 162 -9.10 5.38 -11.13
N LEU C 163 -8.69 4.13 -10.96
CA LEU C 163 -7.97 3.66 -9.77
C LEU C 163 -6.54 3.29 -10.12
N ASP C 164 -5.59 3.71 -9.29
CA ASP C 164 -4.19 3.39 -9.55
C ASP C 164 -3.83 1.93 -9.24
N THR C 165 -4.52 1.34 -8.26
CA THR C 165 -4.28 -0.05 -7.89
C THR C 165 -5.58 -0.80 -7.65
N PHE C 166 -5.49 -2.13 -7.71
CA PHE C 166 -6.65 -2.99 -7.44
C PHE C 166 -7.03 -2.97 -5.96
N GLU C 167 -6.05 -2.68 -5.11
CA GLU C 167 -6.32 -2.56 -3.68
C GLU C 167 -7.36 -1.46 -3.37
N LYS C 168 -7.44 -0.46 -4.24
CA LYS C 168 -8.41 0.65 -4.07
C LYS C 168 -9.87 0.22 -4.21
N LEU C 169 -10.13 -0.94 -4.82
CA LEU C 169 -11.51 -1.44 -4.94
C LEU C 169 -12.18 -1.69 -3.59
N LYS C 170 -11.39 -2.10 -2.60
CA LYS C 170 -11.92 -2.45 -1.29
C LYS C 170 -12.69 -1.31 -0.64
N ASP C 171 -12.29 -0.07 -0.93
CA ASP C 171 -12.90 1.11 -0.31
C ASP C 171 -13.77 1.95 -1.26
N LEU C 172 -14.08 1.44 -2.45
CA LEU C 172 -14.76 2.27 -3.45
C LEU C 172 -16.26 2.44 -3.20
N PHE C 173 -16.88 1.55 -2.42
CA PHE C 173 -18.35 1.54 -2.32
C PHE C 173 -18.92 2.91 -1.94
N THR C 174 -18.27 3.63 -1.06
CA THR C 174 -18.81 4.93 -0.65
C THR C 174 -18.93 5.92 -1.82
N GLU C 175 -18.06 5.79 -2.81
CA GLU C 175 -18.07 6.69 -3.96
C GLU C 175 -19.15 6.32 -4.99
N LEU C 176 -19.81 5.19 -4.80
CA LEU C 176 -20.92 4.78 -5.64
C LEU C 176 -22.24 5.43 -5.21
N GLN C 177 -22.24 6.11 -4.07
CA GLN C 177 -23.41 6.89 -3.68
C GLN C 177 -23.68 7.99 -4.71
N LYS C 178 -24.96 8.18 -5.01
CA LYS C 178 -25.47 9.05 -6.09
C LYS C 178 -25.24 8.49 -7.50
N LYS C 179 -24.68 7.29 -7.59
CA LYS C 179 -24.51 6.59 -8.86
C LYS C 179 -25.36 5.33 -8.92
N ILE C 180 -25.26 4.48 -7.89
CA ILE C 180 -26.03 3.24 -7.87
CA ILE C 180 -25.93 3.18 -7.82
C ILE C 180 -26.96 3.10 -6.65
N TYR C 181 -26.79 3.97 -5.66
CA TYR C 181 -27.70 4.06 -4.53
C TYR C 181 -27.70 5.50 -4.03
FAC ICF D . 5.56 -10.41 5.41
CAJ ICF D . 6.14 -9.36 5.98
FAD ICF D . 7.20 -9.75 6.68
FAE ICF D . 5.30 -8.77 6.81
CAI ICF D . 6.58 -8.36 4.91
CLAF ICF D . 5.18 -7.58 4.00
OAG ICF D . 7.39 -9.12 4.00
CAH ICF D . 8.51 -8.36 3.49
FAB ICF D . 8.12 -7.12 3.19
FAA ICF D . 9.53 -8.33 4.38
C1 GOL E . -0.45 -3.33 15.56
O1 GOL E . -0.97 -2.51 16.55
C2 GOL E . -0.13 -2.53 14.30
O2 GOL E . -0.83 -1.29 14.17
C3 GOL E . -0.53 -3.43 13.14
O3 GOL E . -0.29 -2.78 11.92
FAC ICF F . 2.76 10.10 1.44
CAJ ICF F . 2.36 10.81 2.47
FAD ICF F . 1.26 11.50 2.15
FAE ICF F . 3.32 11.66 2.80
CAI ICF F . 2.09 9.90 3.67
CLAF ICF F . 0.87 8.60 3.24
OAG ICF F . 1.60 10.75 4.71
CAH ICF F . 2.00 10.34 6.02
FAB ICF F . 1.88 8.99 6.10
FAA ICF F . 3.26 10.74 6.28
C1 GOL G . 27.35 16.66 6.17
O1 GOL G . 28.75 16.71 6.28
C2 GOL G . 26.93 17.24 4.83
O2 GOL G . 27.48 18.53 4.65
C3 GOL G . 25.42 17.34 4.75
O3 GOL G . 25.02 17.52 3.41
C1 GOL H . 25.00 26.93 -4.74
O1 GOL H . 25.94 25.90 -4.88
C2 GOL H . 23.70 26.53 -5.42
O2 GOL H . 22.93 27.69 -5.65
C3 GOL H . 22.93 25.57 -4.53
O3 GOL H . 22.47 24.46 -5.27
MG MG I . -6.01 -6.06 -19.77
C1 GOL J . -26.52 9.91 -15.49
O1 GOL J . -26.33 10.58 -16.72
C2 GOL J . -27.99 9.59 -15.30
O2 GOL J . -28.39 8.66 -16.28
C3 GOL J . -28.24 8.99 -13.92
O3 GOL J . -29.63 8.85 -13.75
#